data_4YK2
#
_entry.id   4YK2
#
_cell.length_a   76.680
_cell.length_b   62.310
_cell.length_c   71.040
_cell.angle_alpha   90.000
_cell.angle_beta   90.000
_cell.angle_gamma   90.000
#
_symmetry.space_group_name_H-M   'P 21 21 2'
#
loop_
_entity.id
_entity.type
_entity.pdbx_description
1 polymer 'Bartonella effector protein (Bep) substrate of VirB T4SS'
2 non-polymer 'SULFATE ION'
3 non-polymer 1,2-ETHANEDIOL
4 water water
#
_entity_poly.entity_id   1
_entity_poly.type   'polypeptide(L)'
_entity_poly.pdbx_seq_one_letter_code
;MAHHHHHHMFISPQKIVPLSYNEFIRKVVSDHSIQEQEKEIRRLSQIVFGNQNQLANQLSQIHENPSFTKIISNTLTNSP
ESFAKLAGSKTFGIKNSKRKQAEKNISKLVEAIHKYADAVENSMGNIIKNHNAEQKRLAQSVELPSD
;
_entity_poly.pdbx_strand_id   A,B
#
loop_
_chem_comp.id
_chem_comp.type
_chem_comp.name
_chem_comp.formula
EDO non-polymer 1,2-ETHANEDIOL 'C2 H6 O2'
SO4 non-polymer 'SULFATE ION' 'O4 S -2'
#
# COMPACT_ATOMS: atom_id res chain seq x y z
N LEU A 19 20.35 -2.83 -31.48
CA LEU A 19 20.67 -2.61 -32.89
C LEU A 19 21.63 -3.67 -33.42
N SER A 20 22.38 -4.30 -32.52
CA SER A 20 23.30 -5.39 -32.88
C SER A 20 22.67 -6.75 -32.61
N TYR A 21 23.16 -7.81 -33.24
CA TYR A 21 22.58 -9.13 -33.03
C TYR A 21 22.61 -9.55 -31.56
N ASN A 22 23.81 -9.53 -30.97
CA ASN A 22 23.96 -9.93 -29.58
C ASN A 22 23.13 -9.04 -28.65
N GLU A 23 23.01 -7.77 -29.01
CA GLU A 23 22.19 -6.84 -28.24
C GLU A 23 20.72 -7.23 -28.31
N PHE A 24 20.27 -7.61 -29.50
CA PHE A 24 18.88 -8.03 -29.68
C PHE A 24 18.58 -9.27 -28.86
N ILE A 25 19.51 -10.22 -28.86
CA ILE A 25 19.35 -11.44 -28.07
C ILE A 25 19.23 -11.10 -26.60
N ARG A 26 20.10 -10.23 -26.11
CA ARG A 26 20.09 -9.84 -24.71
C ARG A 26 18.77 -9.17 -24.38
N LYS A 27 18.24 -8.38 -25.30
CA LYS A 27 16.97 -7.71 -25.05
C LYS A 27 15.82 -8.71 -25.00
N VAL A 28 15.77 -9.63 -25.96
CA VAL A 28 14.76 -10.70 -25.97
C VAL A 28 14.68 -11.42 -24.62
N VAL A 29 15.84 -11.87 -24.14
CA VAL A 29 15.94 -12.64 -22.90
C VAL A 29 15.51 -11.77 -21.73
N SER A 30 15.94 -10.51 -21.76
CA SER A 30 15.64 -9.57 -20.69
C SER A 30 14.16 -9.29 -20.61
N ASP A 31 13.57 -8.93 -21.76
CA ASP A 31 12.14 -8.75 -21.89
C ASP A 31 11.38 -9.97 -21.39
N HIS A 32 11.87 -11.14 -21.78
CA HIS A 32 11.22 -12.40 -21.41
C HIS A 32 11.18 -12.64 -19.90
N SER A 33 12.31 -12.40 -19.22
CA SER A 33 12.35 -12.66 -17.79
C SER A 33 11.47 -11.66 -17.01
N ILE A 34 11.37 -10.43 -17.54
CA ILE A 34 10.48 -9.44 -16.96
C ILE A 34 9.04 -9.91 -17.09
N GLN A 35 8.68 -10.35 -18.29
CA GLN A 35 7.33 -10.78 -18.57
C GLN A 35 6.94 -12.01 -17.73
N GLU A 36 7.84 -12.97 -17.60
CA GLU A 36 7.53 -14.15 -16.79
C GLU A 36 7.32 -13.82 -15.31
N GLN A 37 8.06 -12.85 -14.78
CA GLN A 37 7.86 -12.46 -13.38
C GLN A 37 6.54 -11.73 -13.20
N GLU A 38 6.19 -10.87 -14.16
CA GLU A 38 4.92 -10.16 -14.09
C GLU A 38 3.77 -11.15 -14.04
N LYS A 39 3.86 -12.21 -14.84
CA LYS A 39 2.83 -13.24 -14.86
C LYS A 39 2.75 -13.96 -13.51
N GLU A 40 3.89 -14.36 -12.97
CA GLU A 40 3.89 -15.06 -11.69
C GLU A 40 3.43 -14.13 -10.55
N ILE A 41 3.78 -12.84 -10.61
CA ILE A 41 3.30 -11.88 -9.62
C ILE A 41 1.76 -11.77 -9.66
N ARG A 42 1.19 -11.77 -10.86
N ARG A 42 1.19 -11.77 -10.86
CA ARG A 42 -0.26 -11.75 -10.99
CA ARG A 42 -0.27 -11.76 -10.98
C ARG A 42 -0.89 -13.00 -10.37
C ARG A 42 -0.88 -13.01 -10.37
N ARG A 43 -0.30 -14.17 -10.68
CA ARG A 43 -0.81 -15.44 -10.18
C ARG A 43 -0.76 -15.50 -8.66
N LEU A 44 0.37 -15.10 -8.10
CA LEU A 44 0.53 -15.09 -6.64
C LEU A 44 -0.30 -14.00 -5.95
N SER A 45 -0.48 -12.86 -6.60
CA SER A 45 -1.27 -11.76 -6.02
C SER A 45 -2.76 -12.15 -5.91
N GLN A 46 -3.22 -12.89 -6.91
CA GLN A 46 -4.56 -13.46 -6.88
C GLN A 46 -4.73 -14.34 -5.63
N ILE A 47 -3.71 -15.15 -5.33
CA ILE A 47 -3.79 -16.05 -4.17
C ILE A 47 -3.69 -15.28 -2.85
N VAL A 48 -2.75 -14.34 -2.77
CA VAL A 48 -2.51 -13.60 -1.54
C VAL A 48 -3.64 -12.60 -1.25
N PHE A 49 -4.08 -11.86 -2.26
CA PHE A 49 -5.00 -10.73 -2.07
C PHE A 49 -6.36 -10.91 -2.74
N GLY A 50 -6.48 -11.90 -3.62
CA GLY A 50 -7.73 -12.04 -4.35
C GLY A 50 -7.85 -11.05 -5.49
N ASN A 51 -6.74 -10.40 -5.83
CA ASN A 51 -6.71 -9.43 -6.95
C ASN A 51 -5.35 -9.52 -7.61
N GLN A 52 -5.30 -10.02 -8.83
CA GLN A 52 -4.01 -10.29 -9.46
C GLN A 52 -3.25 -8.99 -9.75
N ASN A 53 -3.95 -7.86 -9.72
CA ASN A 53 -3.30 -6.57 -9.92
C ASN A 53 -3.26 -5.70 -8.65
N GLN A 54 -3.32 -6.34 -7.48
CA GLN A 54 -3.37 -5.61 -6.21
C GLN A 54 -2.20 -4.61 -6.06
N LEU A 55 -1.01 -5.04 -6.47
CA LEU A 55 0.19 -4.24 -6.25
C LEU A 55 0.66 -3.49 -7.50
N ALA A 56 -0.26 -3.23 -8.43
CA ALA A 56 0.09 -2.50 -9.66
C ALA A 56 0.86 -1.20 -9.38
N ASN A 57 0.41 -0.42 -8.40
CA ASN A 57 1.11 0.81 -8.05
C ASN A 57 2.56 0.53 -7.69
N GLN A 58 2.76 -0.42 -6.80
CA GLN A 58 4.09 -0.74 -6.30
C GLN A 58 5.00 -1.30 -7.41
N LEU A 59 4.43 -2.08 -8.30
CA LEU A 59 5.21 -2.64 -9.41
C LEU A 59 5.71 -1.55 -10.34
N SER A 60 4.87 -0.58 -10.64
CA SER A 60 5.26 0.51 -11.53
C SER A 60 6.28 1.43 -10.84
N GLN A 61 6.15 1.55 -9.52
CA GLN A 61 7.09 2.32 -8.70
C GLN A 61 8.47 1.67 -8.75
N ILE A 62 8.48 0.36 -8.58
CA ILE A 62 9.72 -0.42 -8.64
C ILE A 62 10.28 -0.35 -10.05
N HIS A 63 9.41 -0.46 -11.05
CA HIS A 63 9.86 -0.39 -12.43
C HIS A 63 10.61 0.91 -12.69
N GLU A 64 10.07 2.00 -12.16
CA GLU A 64 10.65 3.33 -12.32
C GLU A 64 11.93 3.49 -11.51
N ASN A 65 11.91 2.96 -10.29
CA ASN A 65 13.08 3.02 -9.43
C ASN A 65 13.19 1.75 -8.61
N PRO A 66 13.97 0.77 -9.11
CA PRO A 66 14.04 -0.53 -8.43
C PRO A 66 14.67 -0.47 -7.05
N SER A 67 15.29 0.66 -6.68
CA SER A 67 15.80 0.78 -5.32
C SER A 67 14.66 0.78 -4.26
N PHE A 68 13.41 0.97 -4.69
CA PHE A 68 12.27 0.91 -3.75
C PHE A 68 11.88 -0.52 -3.35
N THR A 69 12.49 -1.51 -4.01
CA THR A 69 12.13 -2.92 -3.82
C THR A 69 12.31 -3.38 -2.37
N LYS A 70 13.38 -2.93 -1.73
CA LYS A 70 13.64 -3.36 -0.36
C LYS A 70 12.51 -2.92 0.60
N ILE A 71 12.08 -1.67 0.47
CA ILE A 71 11.05 -1.11 1.35
C ILE A 71 9.70 -1.79 1.13
N ILE A 72 9.31 -1.90 -0.12
CA ILE A 72 8.07 -2.57 -0.48
C ILE A 72 8.06 -4.04 -0.05
N SER A 73 9.17 -4.75 -0.25
CA SER A 73 9.28 -6.16 0.11
C SER A 73 9.19 -6.42 1.59
N ASN A 74 9.82 -5.56 2.38
CA ASN A 74 9.77 -5.63 3.84
CA ASN A 74 9.77 -5.70 3.83
C ASN A 74 8.35 -5.45 4.35
N THR A 75 7.64 -4.49 3.78
CA THR A 75 6.24 -4.28 4.16
C THR A 75 5.40 -5.49 3.79
N LEU A 76 5.67 -6.07 2.62
CA LEU A 76 4.89 -7.22 2.17
C LEU A 76 5.14 -8.44 3.07
N THR A 77 6.39 -8.60 3.49
CA THR A 77 6.81 -9.71 4.35
C THR A 77 6.24 -9.60 5.74
N ASN A 78 6.32 -8.39 6.31
CA ASN A 78 6.03 -8.17 7.71
C ASN A 78 4.64 -7.57 7.97
N SER A 79 4.09 -6.84 7.02
CA SER A 79 2.77 -6.23 7.20
CA SER A 79 2.77 -6.23 7.19
C SER A 79 1.98 -6.24 5.89
N PRO A 80 1.73 -7.43 5.33
CA PRO A 80 1.05 -7.48 4.03
C PRO A 80 -0.32 -6.81 3.99
N GLU A 81 -1.04 -6.79 5.12
CA GLU A 81 -2.38 -6.21 5.07
CA GLU A 81 -2.38 -6.19 5.19
C GLU A 81 -2.33 -4.67 5.07
N SER A 82 -1.12 -4.10 5.12
CA SER A 82 -0.94 -2.69 4.79
C SER A 82 -1.40 -2.40 3.36
N PHE A 83 -1.21 -3.37 2.46
CA PHE A 83 -1.57 -3.15 1.06
C PHE A 83 -3.06 -3.41 0.82
N ALA A 84 -3.57 -4.50 1.38
CA ALA A 84 -4.97 -4.87 1.25
C ALA A 84 -5.23 -6.02 2.21
N LYS A 85 -6.50 -6.27 2.50
CA LYS A 85 -6.87 -7.44 3.28
C LYS A 85 -6.42 -8.72 2.56
N LEU A 86 -5.91 -9.69 3.30
CA LEU A 86 -5.53 -10.97 2.68
C LEU A 86 -6.78 -11.73 2.23
N ALA A 87 -6.63 -12.55 1.20
CA ALA A 87 -7.72 -13.40 0.75
C ALA A 87 -8.12 -14.36 1.86
N GLY A 88 -9.36 -14.86 1.80
CA GLY A 88 -9.87 -15.73 2.84
C GLY A 88 -10.29 -14.92 4.05
N SER A 89 -10.49 -15.58 5.18
CA SER A 89 -10.79 -14.84 6.39
C SER A 89 -10.26 -15.55 7.62
N LYS A 90 -10.26 -14.80 8.73
CA LYS A 90 -9.82 -15.29 10.02
C LYS A 90 -10.89 -14.94 11.04
N THR A 91 -11.55 -15.96 11.57
CA THR A 91 -12.67 -15.76 12.49
C THR A 91 -12.29 -16.16 13.90
N PHE A 92 -12.18 -15.16 14.77
CA PHE A 92 -11.79 -15.36 16.17
C PHE A 92 -10.46 -16.10 16.25
N GLY A 93 -9.52 -15.68 15.42
CA GLY A 93 -8.20 -16.29 15.39
C GLY A 93 -8.07 -17.54 14.54
N ILE A 94 -9.19 -18.07 14.07
CA ILE A 94 -9.17 -19.27 13.22
C ILE A 94 -9.15 -18.88 11.75
N LYS A 95 -8.03 -19.15 11.09
CA LYS A 95 -7.86 -18.87 9.66
C LYS A 95 -8.51 -19.97 8.82
N ASN A 96 -9.36 -19.60 7.86
CA ASN A 96 -9.90 -20.63 6.97
C ASN A 96 -8.87 -21.00 5.92
N SER A 97 -9.22 -21.94 5.05
CA SER A 97 -8.23 -22.54 4.15
C SER A 97 -7.69 -21.53 3.13
N LYS A 98 -8.57 -20.67 2.65
CA LYS A 98 -8.18 -19.64 1.69
C LYS A 98 -7.17 -18.68 2.32
N ARG A 99 -7.38 -18.33 3.58
CA ARG A 99 -6.46 -17.45 4.29
C ARG A 99 -5.10 -18.12 4.48
N LYS A 100 -5.12 -19.41 4.83
CA LYS A 100 -3.88 -20.14 5.03
C LYS A 100 -3.08 -20.21 3.72
N GLN A 101 -3.76 -20.46 2.60
CA GLN A 101 -3.06 -20.45 1.31
C GLN A 101 -2.52 -19.06 0.97
N ALA A 102 -3.27 -18.01 1.29
CA ALA A 102 -2.80 -16.65 1.05
C ALA A 102 -1.48 -16.43 1.77
N GLU A 103 -1.47 -16.74 3.08
CA GLU A 103 -0.28 -16.53 3.89
C GLU A 103 0.90 -17.35 3.40
N LYS A 104 0.65 -18.58 2.98
CA LYS A 104 1.73 -19.48 2.57
C LYS A 104 2.30 -19.11 1.20
N ASN A 105 1.74 -18.10 0.56
CA ASN A 105 2.26 -17.70 -0.75
C ASN A 105 2.93 -16.33 -0.73
N ILE A 106 2.93 -15.68 0.44
CA ILE A 106 3.57 -14.39 0.56
C ILE A 106 5.08 -14.47 0.28
N SER A 107 5.75 -15.48 0.84
CA SER A 107 7.19 -15.68 0.60
C SER A 107 7.51 -15.72 -0.91
N LYS A 108 6.75 -16.51 -1.68
CA LYS A 108 7.04 -16.63 -3.11
CA LYS A 108 6.96 -16.65 -3.12
C LYS A 108 6.66 -15.36 -3.86
N LEU A 109 5.65 -14.63 -3.39
CA LEU A 109 5.30 -13.34 -4.00
C LEU A 109 6.46 -12.35 -3.83
N VAL A 110 7.02 -12.28 -2.63
CA VAL A 110 8.20 -11.44 -2.39
C VAL A 110 9.37 -11.83 -3.32
N GLU A 111 9.63 -13.13 -3.48
CA GLU A 111 10.72 -13.57 -4.34
C GLU A 111 10.50 -13.16 -5.79
N ALA A 112 9.26 -13.24 -6.25
CA ALA A 112 8.96 -12.90 -7.63
C ALA A 112 9.14 -11.41 -7.86
N ILE A 113 8.82 -10.61 -6.86
CA ILE A 113 9.02 -9.16 -6.95
C ILE A 113 10.52 -8.83 -6.99
N HIS A 114 11.33 -9.54 -6.19
CA HIS A 114 12.78 -9.35 -6.23
C HIS A 114 13.35 -9.73 -7.60
N LYS A 115 12.86 -10.84 -8.17
CA LYS A 115 13.30 -11.25 -9.51
C LYS A 115 12.90 -10.24 -10.58
N TYR A 116 11.66 -9.74 -10.49
CA TYR A 116 11.18 -8.69 -11.38
C TYR A 116 12.09 -7.46 -11.30
N ALA A 117 12.36 -7.01 -10.07
CA ALA A 117 13.23 -5.85 -9.86
C ALA A 117 14.65 -6.06 -10.41
N ASP A 118 15.20 -7.25 -10.20
CA ASP A 118 16.52 -7.58 -10.73
C ASP A 118 16.54 -7.54 -12.25
N ALA A 119 15.48 -8.04 -12.87
CA ALA A 119 15.40 -8.09 -14.32
C ALA A 119 15.27 -6.68 -14.88
N VAL A 120 14.47 -5.86 -14.22
CA VAL A 120 14.32 -4.47 -14.62
C VAL A 120 15.65 -3.73 -14.46
N GLU A 121 16.27 -3.91 -13.30
CA GLU A 121 17.56 -3.29 -13.00
C GLU A 121 18.63 -3.69 -14.01
N ASN A 122 18.57 -4.93 -14.46
CA ASN A 122 19.57 -5.41 -15.42
C ASN A 122 19.31 -4.86 -16.81
N SER A 123 18.05 -4.68 -17.16
CA SER A 123 17.70 -4.19 -18.49
C SER A 123 18.13 -2.74 -18.67
N MET A 124 18.25 -2.02 -17.57
CA MET A 124 18.66 -0.60 -17.60
C MET A 124 20.12 -0.47 -18.04
N GLY A 125 20.86 -1.57 -18.02
CA GLY A 125 22.24 -1.57 -18.47
C GLY A 125 22.80 -2.95 -18.76
N LEU B 19 -31.35 2.16 21.50
CA LEU B 19 -30.62 3.32 20.98
C LEU B 19 -30.98 4.59 21.75
N SER B 20 -30.08 5.01 22.64
CA SER B 20 -30.28 6.20 23.46
C SER B 20 -30.28 7.48 22.63
N TYR B 21 -30.75 8.59 23.24
CA TYR B 21 -30.65 9.89 22.60
C TYR B 21 -29.19 10.29 22.42
N ASN B 22 -28.39 10.07 23.45
CA ASN B 22 -26.97 10.42 23.42
C ASN B 22 -26.22 9.57 22.41
N GLU B 23 -26.63 8.31 22.27
CA GLU B 23 -26.04 7.41 21.30
C GLU B 23 -26.40 7.90 19.89
N PHE B 24 -27.63 8.37 19.74
CA PHE B 24 -28.09 8.90 18.47
C PHE B 24 -27.29 10.14 18.07
N ILE B 25 -27.04 11.03 19.03
CA ILE B 25 -26.24 12.22 18.77
C ILE B 25 -24.81 11.82 18.37
N ARG B 26 -24.24 10.85 19.06
CA ARG B 26 -22.87 10.43 18.75
C ARG B 26 -22.79 9.85 17.35
N LYS B 27 -23.87 9.20 16.92
CA LYS B 27 -23.98 8.68 15.55
C LYS B 27 -23.98 9.83 14.53
N VAL B 28 -24.77 10.86 14.82
CA VAL B 28 -24.88 12.02 13.95
C VAL B 28 -23.51 12.66 13.80
N VAL B 29 -22.83 12.87 14.92
CA VAL B 29 -21.51 13.47 14.93
C VAL B 29 -20.48 12.61 14.19
N SER B 30 -20.52 11.30 14.39
CA SER B 30 -19.57 10.40 13.73
CA SER B 30 -19.54 10.43 13.72
C SER B 30 -19.81 10.38 12.21
N ASP B 31 -21.09 10.41 11.82
CA ASP B 31 -21.44 10.44 10.38
C ASP B 31 -20.78 11.64 9.73
N HIS B 32 -20.79 12.76 10.45
CA HIS B 32 -20.22 14.01 9.95
C HIS B 32 -18.70 13.95 9.95
N SER B 33 -18.12 13.42 11.03
CA SER B 33 -16.67 13.27 11.16
CA SER B 33 -16.68 13.29 11.16
C SER B 33 -16.07 12.42 10.05
N ILE B 34 -16.82 11.44 9.55
CA ILE B 34 -16.34 10.61 8.45
C ILE B 34 -16.05 11.49 7.23
N GLN B 35 -16.97 12.42 6.95
CA GLN B 35 -16.83 13.34 5.82
C GLN B 35 -15.69 14.35 6.01
N GLU B 36 -15.60 14.93 7.20
CA GLU B 36 -14.54 15.89 7.47
CA GLU B 36 -14.54 15.88 7.52
C GLU B 36 -13.16 15.25 7.38
N GLN B 37 -13.00 14.06 7.97
CA GLN B 37 -11.68 13.43 7.99
C GLN B 37 -11.28 12.91 6.63
N GLU B 38 -12.24 12.43 5.84
CA GLU B 38 -11.91 11.98 4.49
C GLU B 38 -11.40 13.17 3.69
N LYS B 39 -12.01 14.33 3.90
CA LYS B 39 -11.56 15.55 3.24
C LYS B 39 -10.14 15.92 3.67
N GLU B 40 -9.87 15.80 4.97
CA GLU B 40 -8.55 16.15 5.48
C GLU B 40 -7.50 15.12 5.03
N ILE B 41 -7.92 13.87 4.88
CA ILE B 41 -7.00 12.83 4.43
C ILE B 41 -6.58 13.07 2.98
N ARG B 42 -7.53 13.52 2.16
CA ARG B 42 -7.21 13.84 0.77
C ARG B 42 -6.28 15.05 0.65
N ARG B 43 -6.55 16.08 1.46
CA ARG B 43 -5.70 17.27 1.49
C ARG B 43 -4.27 16.93 1.90
N LEU B 44 -4.13 16.15 2.96
CA LEU B 44 -2.83 15.74 3.47
C LEU B 44 -2.14 14.74 2.53
N SER B 45 -2.92 13.89 1.87
CA SER B 45 -2.35 12.95 0.91
C SER B 45 -1.74 13.68 -0.30
N GLN B 46 -2.35 14.80 -0.67
CA GLN B 46 -1.80 15.66 -1.72
C GLN B 46 -0.46 16.23 -1.29
N ILE B 47 -0.34 16.61 -0.01
CA ILE B 47 0.92 17.14 0.51
C ILE B 47 1.96 16.04 0.60
N VAL B 48 1.55 14.86 1.04
CA VAL B 48 2.49 13.79 1.30
C VAL B 48 2.92 13.03 0.04
N PHE B 49 2.01 12.76 -0.91
CA PHE B 49 2.36 11.74 -1.92
C PHE B 49 2.56 12.00 -3.44
N GLY B 50 2.20 13.10 -4.07
CA GLY B 50 1.21 14.07 -3.70
C GLY B 50 0.07 13.81 -4.69
N ASN B 51 -0.89 13.07 -4.19
CA ASN B 51 -2.00 12.58 -4.96
C ASN B 51 -3.05 12.46 -3.88
N GLN B 52 -4.14 13.20 -3.99
CA GLN B 52 -5.11 13.21 -2.91
C GLN B 52 -5.83 11.88 -2.81
N ASN B 53 -5.74 11.06 -3.85
CA ASN B 53 -6.43 9.78 -3.85
CA ASN B 53 -6.43 9.78 -3.87
C ASN B 53 -5.49 8.62 -3.53
N GLN B 54 -4.27 8.95 -3.09
CA GLN B 54 -3.22 7.92 -2.96
C GLN B 54 -3.62 6.74 -2.08
N LEU B 55 -4.34 7.01 -1.01
CA LEU B 55 -4.64 5.96 -0.04
C LEU B 55 -6.09 5.48 -0.12
N ALA B 56 -6.70 5.59 -1.30
CA ALA B 56 -8.09 5.21 -1.48
C ALA B 56 -8.34 3.76 -1.12
N ASN B 57 -7.42 2.88 -1.52
CA ASN B 57 -7.54 1.47 -1.15
C ASN B 57 -7.57 1.30 0.36
N GLN B 58 -6.66 1.97 1.05
CA GLN B 58 -6.51 1.80 2.48
C GLN B 58 -7.73 2.37 3.21
N LEU B 59 -8.27 3.48 2.70
CA LEU B 59 -9.44 4.12 3.29
C LEU B 59 -10.66 3.22 3.17
N SER B 60 -10.84 2.62 2.00
CA SER B 60 -11.91 1.65 1.79
C SER B 60 -11.77 0.44 2.72
N GLN B 61 -10.54 -0.07 2.84
CA GLN B 61 -10.19 -1.19 3.71
C GLN B 61 -10.54 -0.88 5.17
N ILE B 62 -10.11 0.28 5.64
CA ILE B 62 -10.39 0.73 7.00
C ILE B 62 -11.89 0.96 7.20
N HIS B 63 -12.57 1.50 6.20
CA HIS B 63 -14.01 1.73 6.33
C HIS B 63 -14.76 0.41 6.59
N GLU B 64 -14.32 -0.67 5.94
CA GLU B 64 -14.97 -1.97 6.14
C GLU B 64 -14.49 -2.68 7.40
N ASN B 65 -13.24 -2.43 7.79
CA ASN B 65 -12.73 -2.95 9.07
C ASN B 65 -11.72 -1.99 9.65
N PRO B 66 -12.17 -1.11 10.56
CA PRO B 66 -11.31 -0.11 11.19
C PRO B 66 -10.16 -0.68 12.00
N SER B 67 -10.18 -1.98 12.30
CA SER B 67 -9.11 -2.62 13.04
CA SER B 67 -9.10 -2.60 13.05
C SER B 67 -7.80 -2.67 12.24
N PHE B 68 -7.88 -2.42 10.93
CA PHE B 68 -6.68 -2.41 10.09
C PHE B 68 -5.90 -1.10 10.25
N THR B 69 -6.46 -0.17 11.02
CA THR B 69 -5.89 1.17 11.13
C THR B 69 -4.45 1.17 11.69
N LYS B 70 -4.22 0.36 12.72
CA LYS B 70 -2.91 0.28 13.36
C LYS B 70 -1.83 -0.18 12.38
N ILE B 71 -2.13 -1.21 11.61
CA ILE B 71 -1.16 -1.76 10.67
C ILE B 71 -0.79 -0.72 9.62
N ILE B 72 -1.81 -0.11 9.05
CA ILE B 72 -1.65 0.88 8.00
C ILE B 72 -0.92 2.12 8.52
N SER B 73 -1.28 2.59 9.71
CA SER B 73 -0.64 3.76 10.31
C SER B 73 0.84 3.53 10.57
N ASN B 74 1.16 2.33 11.05
CA ASN B 74 2.54 1.96 11.30
C ASN B 74 3.36 2.05 10.02
N THR B 75 2.86 1.46 8.94
CA THR B 75 3.56 1.50 7.67
C THR B 75 3.68 2.94 7.19
N LEU B 76 2.61 3.71 7.37
CA LEU B 76 2.61 5.11 6.96
C LEU B 76 3.70 5.91 7.71
N THR B 77 3.80 5.67 9.00
CA THR B 77 4.80 6.35 9.85
C THR B 77 6.24 5.93 9.53
N ASN B 78 6.47 4.62 9.40
CA ASN B 78 7.83 4.10 9.31
C ASN B 78 8.30 3.71 7.90
N SER B 79 7.37 3.40 7.01
CA SER B 79 7.73 3.11 5.61
C SER B 79 6.72 3.70 4.64
N PRO B 80 6.56 5.03 4.64
CA PRO B 80 5.51 5.62 3.81
C PRO B 80 5.74 5.35 2.31
N GLU B 81 6.99 5.17 1.90
CA GLU B 81 7.20 5.01 0.48
CA GLU B 81 7.31 4.94 0.49
C GLU B 81 6.81 3.59 0.01
N SER B 82 6.32 2.78 0.94
CA SER B 82 5.66 1.51 0.59
C SER B 82 4.38 1.77 -0.20
N PHE B 83 3.74 2.91 0.04
CA PHE B 83 2.48 3.21 -0.63
C PHE B 83 2.75 3.93 -1.95
N ALA B 84 3.72 4.84 -1.94
CA ALA B 84 4.11 5.62 -3.11
C ALA B 84 5.33 6.46 -2.76
N LYS B 85 6.04 6.94 -3.77
CA LYS B 85 7.14 7.86 -3.53
C LYS B 85 6.61 9.14 -2.87
N LEU B 86 7.36 9.71 -1.94
CA LEU B 86 6.96 10.95 -1.28
C LEU B 86 6.95 12.07 -2.29
N ALA B 87 6.12 13.08 -2.06
CA ALA B 87 6.10 14.25 -2.91
C ALA B 87 7.43 15.01 -2.81
N GLY B 88 7.71 15.86 -3.79
CA GLY B 88 8.97 16.58 -3.85
C GLY B 88 10.12 15.65 -4.25
N SER B 89 11.35 16.07 -3.95
CA SER B 89 12.51 15.24 -4.25
C SER B 89 13.76 15.57 -3.43
N LYS B 90 14.74 14.70 -3.57
CA LYS B 90 16.10 14.87 -3.08
C LYS B 90 17.02 15.19 -4.26
N THR B 91 17.61 16.37 -4.26
CA THR B 91 18.54 16.76 -5.32
C THR B 91 19.96 16.82 -4.77
N PHE B 92 20.82 15.94 -5.29
CA PHE B 92 22.17 15.73 -4.75
C PHE B 92 22.15 15.59 -3.23
N GLY B 93 21.20 14.80 -2.73
CA GLY B 93 21.10 14.54 -1.31
C GLY B 93 20.37 15.59 -0.49
N ILE B 94 19.94 16.67 -1.13
CA ILE B 94 19.21 17.72 -0.41
C ILE B 94 17.70 17.61 -0.68
N LYS B 95 16.91 17.48 0.38
CA LYS B 95 15.45 17.48 0.26
C LYS B 95 14.94 18.89 0.00
N ASN B 96 14.12 19.08 -1.04
CA ASN B 96 13.54 20.40 -1.26
C ASN B 96 12.36 20.62 -0.31
N SER B 97 11.78 21.81 -0.37
CA SER B 97 10.74 22.20 0.57
C SER B 97 9.50 21.33 0.40
N LYS B 98 9.24 20.91 -0.82
CA LYS B 98 8.13 20.00 -1.08
C LYS B 98 8.32 18.66 -0.36
N ARG B 99 9.53 18.11 -0.39
CA ARG B 99 9.80 16.83 0.28
C ARG B 99 9.76 17.00 1.80
N LYS B 100 10.30 18.11 2.29
CA LYS B 100 10.28 18.40 3.72
C LYS B 100 8.85 18.53 4.23
N GLN B 101 8.00 19.24 3.49
CA GLN B 101 6.59 19.37 3.85
C GLN B 101 5.89 18.02 3.85
N ALA B 102 6.22 17.18 2.88
CA ALA B 102 5.66 15.84 2.80
C ALA B 102 5.99 15.04 4.07
N GLU B 103 7.25 15.07 4.47
CA GLU B 103 7.68 14.30 5.64
C GLU B 103 7.07 14.84 6.93
N LYS B 104 7.03 16.16 7.05
CA LYS B 104 6.45 16.84 8.20
C LYS B 104 4.97 16.50 8.41
N ASN B 105 4.26 16.26 7.33
CA ASN B 105 2.82 16.09 7.40
C ASN B 105 2.36 14.63 7.51
N ILE B 106 3.29 13.67 7.53
CA ILE B 106 2.91 12.28 7.72
C ILE B 106 2.21 12.07 9.06
N SER B 107 2.71 12.72 10.12
CA SER B 107 2.10 12.58 11.43
C SER B 107 0.65 13.09 11.43
N LYS B 108 0.40 14.19 10.72
CA LYS B 108 -0.95 14.74 10.58
C LYS B 108 -1.87 13.81 9.79
N LEU B 109 -1.30 13.17 8.76
CA LEU B 109 -2.05 12.22 7.96
C LEU B 109 -2.44 11.01 8.81
N VAL B 110 -1.47 10.51 9.58
CA VAL B 110 -1.74 9.40 10.49
C VAL B 110 -2.81 9.78 11.53
N GLU B 111 -2.73 10.98 12.10
CA GLU B 111 -3.75 11.44 13.05
C GLU B 111 -5.14 11.49 12.41
N ALA B 112 -5.22 12.02 11.19
CA ALA B 112 -6.50 12.10 10.48
C ALA B 112 -7.07 10.71 10.18
N ILE B 113 -6.20 9.78 9.78
CA ILE B 113 -6.67 8.43 9.52
C ILE B 113 -7.22 7.79 10.81
N HIS B 114 -6.58 8.04 11.94
CA HIS B 114 -7.10 7.51 13.21
C HIS B 114 -8.46 8.11 13.56
N LYS B 115 -8.65 9.41 13.30
CA LYS B 115 -9.93 10.06 13.59
C LYS B 115 -11.02 9.49 12.69
N TYR B 116 -10.67 9.28 11.42
CA TYR B 116 -11.57 8.66 10.45
C TYR B 116 -12.03 7.28 10.93
N ALA B 117 -11.08 6.47 11.40
CA ALA B 117 -11.36 5.11 11.84
C ALA B 117 -12.24 5.10 13.08
N ASP B 118 -12.04 6.08 13.95
CA ASP B 118 -12.86 6.19 15.14
C ASP B 118 -14.29 6.59 14.77
N ALA B 119 -14.41 7.50 13.82
CA ALA B 119 -15.72 7.93 13.32
C ALA B 119 -16.46 6.75 12.70
N VAL B 120 -15.80 6.04 11.80
CA VAL B 120 -16.39 4.88 11.16
C VAL B 120 -16.88 3.85 12.21
N GLU B 121 -15.99 3.50 13.13
CA GLU B 121 -16.32 2.58 14.20
C GLU B 121 -17.59 2.99 14.95
N ASN B 122 -17.62 4.24 15.40
CA ASN B 122 -18.77 4.75 16.13
C ASN B 122 -20.04 4.67 15.29
N SER B 123 -19.94 5.11 14.03
CA SER B 123 -21.08 5.06 13.12
C SER B 123 -21.65 3.67 12.88
N MET B 124 -20.79 2.65 12.85
CA MET B 124 -21.24 1.30 12.57
C MET B 124 -21.52 0.52 13.86
S SO4 C . -13.55 -16.34 2.16
O1 SO4 C . -12.96 -17.63 1.79
O2 SO4 C . -13.10 -15.30 1.23
O3 SO4 C . -13.16 -16.00 3.51
O4 SO4 C . -15.01 -16.45 2.09
S SO4 D . -12.47 -23.91 5.26
O1 SO4 D . -12.25 -25.01 4.32
O2 SO4 D . -11.21 -23.57 5.91
O3 SO4 D . -12.98 -22.75 4.55
O4 SO4 D . -13.44 -24.32 6.29
S SO4 E . -10.78 -5.27 -5.22
O1 SO4 E . -10.87 -6.73 -5.17
O2 SO4 E . -9.37 -4.88 -5.11
O3 SO4 E . -11.51 -4.70 -4.10
O4 SO4 E . -11.34 -4.78 -6.47
S SO4 F . 15.09 4.99 -1.49
O1 SO4 F . 15.00 3.55 -1.57
O2 SO4 F . 15.06 5.57 -2.83
O3 SO4 F . 16.34 5.35 -0.82
O4 SO4 F . 13.97 5.51 -0.71
S SO4 G . 28.25 -7.27 -27.97
O1 SO4 G . 28.29 -8.68 -27.59
O2 SO4 G . 28.08 -7.15 -29.42
O3 SO4 G . 29.49 -6.63 -27.57
O4 SO4 G . 27.13 -6.63 -27.31
S SO4 H . 9.05 18.62 -7.44
O1 SO4 H . 9.39 18.81 -8.85
O2 SO4 H . 10.11 17.90 -6.76
O3 SO4 H . 7.81 17.86 -7.35
O4 SO4 H . 8.87 19.94 -6.81
S SO4 I . 13.50 9.88 -3.82
O1 SO4 I . 13.67 11.21 -4.41
O2 SO4 I . 14.10 8.90 -4.72
O3 SO4 I . 12.09 9.59 -3.65
O4 SO4 I . 14.16 9.84 -2.51
C1 EDO J . -7.46 -8.03 11.78
O1 EDO J . -7.17 -6.63 11.79
C2 EDO J . -8.95 -8.24 11.49
O2 EDO J . -9.49 -9.22 12.38
#